data_7D8T
#
_entry.id   7D8T
#
_cell.length_a   207.260
_cell.length_b   207.260
_cell.length_c   163.160
_cell.angle_alpha   90.000
_cell.angle_beta   90.000
_cell.angle_gamma   120.000
#
_symmetry.space_group_name_H-M   'H 3 2'
#
loop_
_entity.id
_entity.type
_entity.pdbx_description
1 polymer "DNA (5'-D(P*GP*GP*GP*AP*CP*AP*CP*AP*TP*GP*TP*TP*AP*CP*AP*G)-3')"
2 polymer "DNA (5'-D(*TP*GP*TP*AP*AP*CP*AP*TP*GP*TP*GP*TP*CP*CP*CP*C)-3')"
3 polymer 'Microphthalmia-associated transcription factor,Methionyl-tRNA synthetase beta subunit'
#
loop_
_entity_poly.entity_id
_entity_poly.type
_entity_poly.pdbx_seq_one_letter_code
_entity_poly.pdbx_strand_id
1 'polydeoxyribonucleotide' (DG)(DG)(DG)(DA)(DC)(DA)(DC)(DA)(DT)(DG)(DT)(DT)(DA)(DC)(DA)(DG) C
2 'polydeoxyribonucleotide' (DT)(DG)(DT)(DA)(DA)(DC)(DA)(DT)(DG)(DT)(DG)(DT)(DC)(DC)(DC)(DC) D
3 'polypeptide(L)'
;SLAKERQKKDNHNLIERRRRFNINDRIKELGTLIPKSNDPDMRWNKGTILKASVDYIRKLQREQQRAKELENRQKKLEHA
CRHLLLRIQELGIEDFLKVDLRVAKVLSAERVEGSEKLLKLTLSLGDEERTVVAGIAKYYTPEELVGKKIVIVANLKPRK
IFGIESQGMILAASDGENLSVIVPDRDVKEGAKLSAALE
;
A,B
#
loop_
_chem_comp.id
_chem_comp.type
_chem_comp.name
_chem_comp.formula
DA DNA linking 2'-DEOXYADENOSINE-5'-MONOPHOSPHATE 'C10 H14 N5 O6 P'
DC DNA linking 2'-DEOXYCYTIDINE-5'-MONOPHOSPHATE 'C9 H14 N3 O7 P'
DG DNA linking 2'-DEOXYGUANOSINE-5'-MONOPHOSPHATE 'C10 H14 N5 O7 P'
DT DNA linking THYMIDINE-5'-MONOPHOSPHATE 'C10 H15 N2 O8 P'
#
# COMPACT_ATOMS: atom_id res chain seq x y z
N SER C 1 -55.70 31.77 -16.12
CA SER C 1 -55.06 31.07 -15.02
C SER C 1 -54.60 29.70 -15.47
N LEU C 2 -55.29 29.13 -16.47
CA LEU C 2 -54.85 27.85 -17.03
C LEU C 2 -53.47 27.98 -17.68
N ALA C 3 -53.08 29.21 -18.05
CA ALA C 3 -51.73 29.48 -18.50
C ALA C 3 -50.77 29.55 -17.32
N LYS C 4 -51.13 30.30 -16.29
CA LYS C 4 -50.34 30.34 -15.07
C LYS C 4 -50.25 28.95 -14.43
N GLU C 5 -51.29 28.13 -14.58
CA GLU C 5 -51.23 26.75 -14.11
C GLU C 5 -50.16 25.97 -14.85
N ARG C 6 -50.10 26.13 -16.17
CA ARG C 6 -49.06 25.45 -16.95
C ARG C 6 -47.69 26.06 -16.70
N GLN C 7 -47.62 27.40 -16.58
CA GLN C 7 -46.35 28.06 -16.34
C GLN C 7 -45.74 27.62 -15.01
N LYS C 8 -46.58 27.43 -13.99
CA LYS C 8 -46.08 26.87 -12.73
C LYS C 8 -45.60 25.43 -12.92
N LYS C 9 -46.21 24.69 -13.84
CA LYS C 9 -45.80 23.31 -14.09
C LYS C 9 -44.61 23.24 -15.03
N ASP C 10 -44.66 23.97 -16.16
CA ASP C 10 -43.55 23.94 -17.11
C ASP C 10 -42.23 24.36 -16.46
N ASN C 11 -42.29 25.30 -15.50
CA ASN C 11 -41.10 25.61 -14.73
C ASN C 11 -40.75 24.50 -13.74
N HIS C 12 -41.75 23.97 -13.06
CA HIS C 12 -41.49 22.90 -12.09
C HIS C 12 -40.90 21.68 -12.76
N ASN C 13 -41.41 21.33 -13.96
CA ASN C 13 -40.87 20.17 -14.68
C ASN C 13 -39.42 20.39 -15.06
N LEU C 14 -39.08 21.59 -15.54
CA LEU C 14 -37.71 21.85 -15.99
C LEU C 14 -36.73 21.83 -14.83
N ILE C 15 -37.12 22.38 -13.68
CA ILE C 15 -36.25 22.37 -12.51
C ILE C 15 -35.92 20.94 -12.09
N GLU C 16 -36.93 20.07 -12.06
CA GLU C 16 -36.68 18.68 -11.71
C GLU C 16 -35.88 17.97 -12.79
N ARG C 17 -36.20 18.25 -14.06
CA ARG C 17 -35.48 17.62 -15.16
C ARG C 17 -33.99 17.93 -15.07
N ARG C 18 -33.63 19.13 -14.62
CA ARG C 18 -32.23 19.46 -14.45
C ARG C 18 -31.63 18.77 -13.23
N ARG C 19 -32.45 18.34 -12.25
CA ARG C 19 -31.93 17.67 -11.07
C ARG C 19 -31.58 16.22 -11.36
N ARG C 20 -32.51 15.49 -11.99
CA ARG C 20 -32.24 14.10 -12.35
C ARG C 20 -31.07 13.99 -13.32
N PHE C 21 -31.00 14.91 -14.30
CA PHE C 21 -29.89 14.93 -15.24
C PHE C 21 -28.55 15.00 -14.50
N ASN C 22 -28.49 15.81 -13.44
CA ASN C 22 -27.24 15.91 -12.66
C ASN C 22 -26.92 14.59 -11.98
N ILE C 23 -27.89 14.02 -11.25
CA ILE C 23 -27.58 12.83 -10.44
C ILE C 23 -27.52 11.56 -11.26
N ASN C 24 -27.99 11.61 -12.51
CA ASN C 24 -27.75 10.53 -13.46
C ASN C 24 -26.41 10.68 -14.19
N ASP C 25 -26.03 11.92 -14.51
CA ASP C 25 -24.74 12.14 -15.15
C ASP C 25 -23.57 11.87 -14.19
N ARG C 26 -23.80 11.97 -12.87
CA ARG C 26 -22.77 11.54 -11.92
C ARG C 26 -22.62 10.03 -11.93
N ILE C 27 -23.74 9.30 -11.90
CA ILE C 27 -23.67 7.84 -11.94
C ILE C 27 -22.96 7.37 -13.20
N LYS C 28 -23.20 8.04 -14.33
CA LYS C 28 -22.41 7.80 -15.54
C LYS C 28 -20.94 8.07 -15.28
N GLU C 29 -20.62 9.26 -14.75
CA GLU C 29 -19.25 9.58 -14.41
C GLU C 29 -18.70 8.64 -13.34
N LEU C 30 -19.57 8.21 -12.42
CA LEU C 30 -19.13 7.27 -11.39
C LEU C 30 -18.82 5.92 -12.01
N GLY C 31 -19.46 5.58 -13.14
CA GLY C 31 -19.16 4.34 -13.82
C GLY C 31 -17.84 4.35 -14.57
N THR C 32 -17.41 5.53 -15.03
CA THR C 32 -16.13 5.62 -15.74
C THR C 32 -14.95 5.26 -14.85
N LEU C 33 -15.11 5.38 -13.52
CA LEU C 33 -14.02 5.12 -12.59
C LEU C 33 -14.05 3.71 -12.02
N ILE C 34 -15.23 3.11 -11.90
CA ILE C 34 -15.31 1.71 -11.46
C ILE C 34 -14.52 0.83 -12.41
N PRO C 35 -13.72 -0.11 -11.93
CA PRO C 35 -12.92 -0.96 -12.81
C PRO C 35 -13.75 -2.09 -13.42
N LYS C 36 -13.09 -2.90 -14.25
CA LYS C 36 -13.76 -4.03 -14.89
C LYS C 36 -14.32 -4.98 -13.85
N SER C 37 -15.43 -5.61 -14.18
CA SER C 37 -16.18 -6.45 -13.24
C SER C 37 -15.82 -7.92 -13.36
N ASN C 38 -14.62 -8.24 -13.85
CA ASN C 38 -14.13 -9.61 -14.00
C ASN C 38 -14.96 -10.42 -14.99
N ASP C 39 -15.97 -9.80 -15.58
CA ASP C 39 -16.91 -10.48 -16.47
C ASP C 39 -17.12 -9.60 -17.70
N PRO C 40 -16.50 -9.94 -18.83
CA PRO C 40 -16.70 -9.15 -20.05
C PRO C 40 -18.12 -9.17 -20.59
N ASP C 41 -19.01 -9.92 -19.95
CA ASP C 41 -20.44 -9.93 -20.27
C ASP C 41 -21.20 -9.54 -18.99
N MET C 42 -21.32 -8.24 -18.76
CA MET C 42 -21.91 -7.69 -17.55
C MET C 42 -22.87 -6.56 -17.90
N ARG C 43 -23.97 -6.46 -17.15
CA ARG C 43 -24.94 -5.38 -17.32
C ARG C 43 -24.69 -4.33 -16.24
N TRP C 44 -24.42 -3.10 -16.68
CA TRP C 44 -24.13 -2.00 -15.75
C TRP C 44 -25.39 -1.16 -15.57
N ASN C 45 -26.25 -1.62 -14.66
CA ASN C 45 -27.38 -0.82 -14.24
C ASN C 45 -27.00 0.03 -13.02
N LYS C 46 -27.82 1.04 -12.76
CA LYS C 46 -27.46 2.02 -11.73
C LYS C 46 -27.36 1.36 -10.36
N GLY C 47 -28.32 0.50 -10.02
CA GLY C 47 -28.28 -0.15 -8.71
C GLY C 47 -26.99 -0.90 -8.44
N THR C 48 -26.29 -1.33 -9.49
CA THR C 48 -25.04 -2.03 -9.31
C THR C 48 -23.84 -1.10 -9.29
N ILE C 49 -23.84 -0.03 -10.11
CA ILE C 49 -22.75 0.92 -10.10
C ILE C 49 -22.65 1.60 -8.73
N LEU C 50 -23.80 1.91 -8.13
CA LEU C 50 -23.79 2.43 -6.76
C LEU C 50 -23.22 1.40 -5.80
N LYS C 51 -23.74 0.18 -5.85
CA LYS C 51 -23.19 -0.89 -5.01
C LYS C 51 -21.70 -1.08 -5.31
N ALA C 52 -21.32 -1.06 -6.59
CA ALA C 52 -19.92 -1.26 -6.96
C ALA C 52 -19.04 -0.15 -6.39
N SER C 53 -19.44 1.11 -6.55
CA SER C 53 -18.60 2.20 -6.08
C SER C 53 -18.47 2.21 -4.56
N VAL C 54 -19.54 1.85 -3.85
CA VAL C 54 -19.46 1.72 -2.39
C VAL C 54 -18.35 0.73 -2.02
N ASP C 55 -18.44 -0.49 -2.56
CA ASP C 55 -17.43 -1.50 -2.27
C ASP C 55 -16.05 -1.07 -2.76
N TYR C 56 -16.00 -0.37 -3.90
CA TYR C 56 -14.71 0.06 -4.45
C TYR C 56 -14.05 1.12 -3.58
N ILE C 57 -14.84 1.88 -2.81
CA ILE C 57 -14.30 2.90 -1.91
C ILE C 57 -13.90 2.29 -0.57
N ARG C 58 -14.74 1.40 -0.03
CA ARG C 58 -14.38 0.67 1.18
C ARG C 58 -13.07 -0.07 1.00
N LYS C 59 -12.77 -0.50 -0.23
CA LYS C 59 -11.49 -1.16 -0.51
C LYS C 59 -10.36 -0.14 -0.63
N LEU C 60 -10.60 0.99 -1.29
CA LEU C 60 -9.55 2.00 -1.42
C LEU C 60 -9.24 2.70 -0.10
N GLN C 61 -10.20 2.73 0.82
CA GLN C 61 -9.95 3.28 2.14
C GLN C 61 -9.01 2.40 2.95
N ARG C 62 -9.16 1.07 2.86
CA ARG C 62 -8.25 0.17 3.54
C ARG C 62 -6.84 0.29 2.96
N GLU C 63 -6.73 0.32 1.64
CA GLU C 63 -5.43 0.45 0.99
C GLU C 63 -4.76 1.78 1.32
N GLN C 64 -5.55 2.84 1.49
CA GLN C 64 -5.01 4.14 1.87
C GLN C 64 -4.46 4.12 3.29
N GLN C 65 -5.23 3.56 4.23
CA GLN C 65 -4.76 3.51 5.61
C GLN C 65 -3.55 2.58 5.74
N ARG C 66 -3.46 1.57 4.87
CA ARG C 66 -2.30 0.67 4.90
C ARG C 66 -1.02 1.42 4.56
N ALA C 67 -1.02 2.19 3.47
CA ALA C 67 0.15 2.99 3.12
C ALA C 67 0.40 4.07 4.15
N LYS C 68 -0.65 4.55 4.82
CA LYS C 68 -0.47 5.51 5.91
C LYS C 68 0.32 4.90 7.05
N GLU C 69 0.08 3.62 7.35
CA GLU C 69 0.86 2.94 8.37
C GLU C 69 2.28 2.66 7.89
N LEU C 70 2.43 2.25 6.63
CA LEU C 70 3.76 1.90 6.11
C LEU C 70 4.70 3.09 6.13
N GLU C 71 4.26 4.23 5.59
CA GLU C 71 5.12 5.41 5.58
C GLU C 71 5.51 5.83 6.99
N ASN C 72 4.65 5.54 7.97
CA ASN C 72 5.01 5.81 9.36
C ASN C 72 6.12 4.89 9.83
N ARG C 73 6.00 3.59 9.53
CA ARG C 73 7.03 2.62 9.90
C ARG C 73 8.36 2.97 9.22
N GLN C 74 8.33 3.16 7.89
CA GLN C 74 9.55 3.52 7.17
C GLN C 74 10.17 4.80 7.71
N LYS C 75 9.34 5.79 8.06
CA LYS C 75 9.87 7.02 8.66
C LYS C 75 10.55 6.72 9.98
N LYS C 76 10.04 5.73 10.72
CA LYS C 76 10.64 5.35 11.99
C LYS C 76 12.01 4.71 11.78
N LEU C 77 12.16 3.88 10.74
CA LEU C 77 13.45 3.28 10.45
C LEU C 77 14.50 4.34 10.15
N GLU C 78 14.22 5.20 9.17
CA GLU C 78 15.14 6.30 8.85
C GLU C 78 15.53 7.05 10.11
N HIS C 79 14.58 7.28 11.02
CA HIS C 79 14.89 7.99 12.26
C HIS C 79 15.87 7.17 13.11
N ALA C 80 15.66 5.86 13.18
CA ALA C 80 16.53 5.04 14.02
C ALA C 80 17.93 4.96 13.44
N CYS C 81 18.05 4.57 12.16
CA CYS C 81 19.37 4.51 11.54
C CYS C 81 20.05 5.87 11.51
N ARG C 82 19.28 6.96 11.51
CA ARG C 82 19.90 8.27 11.51
C ARG C 82 20.54 8.54 12.87
N HIS C 83 19.82 8.26 13.96
CA HIS C 83 20.38 8.45 15.30
C HIS C 83 21.42 7.39 15.64
N LEU C 84 21.44 6.27 14.92
CA LEU C 84 22.44 5.23 15.15
C LEU C 84 23.82 5.71 14.74
N LEU C 85 23.95 6.13 13.48
CA LEU C 85 25.23 6.56 12.90
C LEU C 85 25.80 7.82 13.52
N LEU C 86 25.03 8.57 14.30
CA LEU C 86 25.52 9.80 14.92
C LEU C 86 25.44 9.58 16.42
N ARG C 87 26.54 9.06 16.98
CA ARG C 87 26.55 8.67 18.38
C ARG C 87 26.53 9.87 19.31
N ILE C 88 27.28 10.92 18.97
CA ILE C 88 27.43 12.09 19.85
C ILE C 88 26.25 13.01 19.54
N GLN C 89 25.12 12.74 20.20
CA GLN C 89 23.90 13.49 19.98
C GLN C 89 24.10 14.98 20.19
N GLU C 90 23.92 15.75 19.12
CA GLU C 90 24.06 17.21 19.15
C GLU C 90 22.77 17.82 18.62
N LEU C 91 22.31 18.89 19.27
CA LEU C 91 21.07 19.53 18.86
C LEU C 91 21.26 20.38 17.61
N GLY C 92 22.36 21.14 17.56
CA GLY C 92 22.60 22.02 16.41
C GLY C 92 22.90 21.26 15.14
N ILE C 93 23.47 20.06 15.25
CA ILE C 93 23.79 19.27 14.06
C ILE C 93 22.52 18.88 13.32
N GLU C 94 21.39 18.85 14.02
CA GLU C 94 20.10 18.58 13.38
C GLU C 94 19.84 19.59 12.29
N ASP C 95 18.91 19.23 11.38
CA ASP C 95 18.61 19.89 10.12
C ASP C 95 19.69 19.59 9.07
N PHE C 96 20.80 18.96 9.45
CA PHE C 96 21.85 18.55 8.52
C PHE C 96 21.99 17.05 8.40
N LEU C 97 21.72 16.31 9.49
CA LEU C 97 21.67 14.86 9.41
C LEU C 97 20.60 14.39 8.43
N LYS C 98 19.56 15.21 8.22
CA LYS C 98 18.55 14.90 7.22
C LYS C 98 19.15 14.83 5.82
N VAL C 99 20.31 15.45 5.61
CA VAL C 99 20.97 15.45 4.31
C VAL C 99 21.90 14.26 4.24
N ASP C 100 21.71 13.40 3.25
CA ASP C 100 22.55 12.21 3.04
C ASP C 100 23.54 12.54 1.93
N LEU C 101 24.72 13.04 2.32
CA LEU C 101 25.80 13.30 1.37
C LEU C 101 26.70 12.08 1.28
N ARG C 102 26.91 11.58 0.06
CA ARG C 102 27.73 10.39 -0.13
C ARG C 102 28.71 10.57 -1.28
N VAL C 103 29.79 9.77 -1.22
CA VAL C 103 30.83 9.77 -2.23
C VAL C 103 30.48 8.75 -3.30
N ALA C 104 30.26 9.22 -4.52
CA ALA C 104 29.94 8.35 -5.65
C ALA C 104 31.12 8.31 -6.61
N LYS C 105 31.05 7.40 -7.59
CA LYS C 105 32.09 7.26 -8.60
C LYS C 105 31.46 7.29 -9.98
N VAL C 106 32.03 8.10 -10.87
CA VAL C 106 31.46 8.31 -12.20
C VAL C 106 31.87 7.14 -13.07
N LEU C 107 30.96 6.19 -13.27
CA LEU C 107 31.25 5.07 -14.16
C LEU C 107 31.29 5.54 -15.61
N SER C 108 30.29 6.32 -16.02
CA SER C 108 30.21 6.78 -17.39
C SER C 108 29.41 8.07 -17.44
N ALA C 109 29.89 9.02 -18.22
CA ALA C 109 29.20 10.28 -18.48
C ALA C 109 29.03 10.44 -19.98
N GLU C 110 27.86 10.92 -20.40
CA GLU C 110 27.57 11.16 -21.80
C GLU C 110 26.74 12.42 -21.93
N ARG C 111 27.01 13.19 -22.99
CA ARG C 111 26.23 14.40 -23.24
C ARG C 111 24.80 14.03 -23.63
N VAL C 112 23.87 14.92 -23.27
CA VAL C 112 22.46 14.71 -23.54
C VAL C 112 22.07 15.54 -24.76
N GLU C 113 21.55 14.88 -25.79
CA GLU C 113 21.19 15.55 -27.02
C GLU C 113 20.12 16.59 -26.75
N GLY C 114 20.31 17.80 -27.29
CA GLY C 114 19.36 18.88 -27.14
C GLY C 114 19.61 19.79 -25.95
N SER C 115 20.63 19.51 -25.14
CA SER C 115 20.96 20.34 -23.99
C SER C 115 22.35 20.91 -24.17
N GLU C 116 22.47 22.23 -24.06
CA GLU C 116 23.77 22.87 -24.23
C GLU C 116 24.68 22.63 -23.03
N LYS C 117 24.11 22.64 -21.83
CA LYS C 117 24.89 22.66 -20.60
C LYS C 117 24.63 21.48 -19.67
N LEU C 118 23.88 20.47 -20.11
CA LEU C 118 23.52 19.35 -19.26
C LEU C 118 24.38 18.12 -19.56
N LEU C 119 24.49 17.24 -18.55
CA LEU C 119 25.28 16.02 -18.62
C LEU C 119 24.58 14.89 -17.87
N LYS C 120 24.58 13.70 -18.47
CA LYS C 120 23.95 12.52 -17.87
C LYS C 120 25.03 11.60 -17.28
N LEU C 121 25.09 11.55 -15.96
CA LEU C 121 26.09 10.76 -15.26
C LEU C 121 25.51 9.40 -14.88
N THR C 122 26.40 8.42 -14.73
CA THR C 122 26.04 7.05 -14.33
C THR C 122 26.92 6.72 -13.12
N LEU C 123 26.42 7.05 -11.93
CA LEU C 123 27.20 6.99 -10.71
C LEU C 123 27.12 5.59 -10.09
N SER C 124 28.20 5.15 -9.48
CA SER C 124 28.24 3.91 -8.72
C SER C 124 28.45 4.25 -7.25
N LEU C 125 27.58 3.71 -6.40
CA LEU C 125 27.75 3.83 -4.96
C LEU C 125 28.25 2.53 -4.34
N GLY C 126 28.89 1.68 -5.14
CA GLY C 126 29.35 0.38 -4.68
C GLY C 126 28.23 -0.62 -4.57
N ASP C 127 27.32 -0.39 -3.61
CA ASP C 127 26.15 -1.23 -3.48
C ASP C 127 25.31 -1.22 -4.75
N GLU C 128 24.86 -0.04 -5.18
CA GLU C 128 23.96 0.09 -6.32
C GLU C 128 24.46 1.20 -7.25
N GLU C 129 23.91 1.20 -8.47
CA GLU C 129 24.18 2.22 -9.47
C GLU C 129 23.11 3.32 -9.42
N ARG C 130 23.44 4.47 -10.02
CA ARG C 130 22.52 5.61 -10.05
C ARG C 130 22.71 6.40 -11.33
N THR C 131 21.59 6.95 -11.82
CA THR C 131 21.60 7.84 -12.99
C THR C 131 21.25 9.25 -12.50
N VAL C 132 22.22 10.14 -12.56
CA VAL C 132 22.12 11.49 -12.04
C VAL C 132 22.43 12.48 -13.16
N VAL C 133 21.66 13.55 -13.25
CA VAL C 133 21.87 14.60 -14.24
C VAL C 133 22.42 15.83 -13.53
N ALA C 134 23.46 16.43 -14.12
CA ALA C 134 24.08 17.63 -13.58
C ALA C 134 24.34 18.60 -14.73
N GLY C 135 24.18 19.89 -14.46
CA GLY C 135 24.38 20.90 -15.48
C GLY C 135 25.78 21.50 -15.51
N ILE C 136 26.78 20.68 -15.80
CA ILE C 136 28.18 21.14 -15.78
C ILE C 136 28.87 20.79 -17.10
N ALA C 137 28.09 20.59 -18.16
CA ALA C 137 28.69 20.22 -19.44
C ALA C 137 29.51 21.35 -20.03
N LYS C 138 29.16 22.60 -19.72
CA LYS C 138 29.91 23.74 -20.23
C LYS C 138 31.25 23.91 -19.55
N TYR C 139 31.57 23.09 -18.53
CA TYR C 139 32.79 23.25 -17.76
C TYR C 139 33.59 21.96 -17.66
N TYR C 140 32.93 20.81 -17.58
CA TYR C 140 33.58 19.52 -17.43
C TYR C 140 33.36 18.67 -18.67
N THR C 141 34.41 17.96 -19.12
CA THR C 141 34.15 17.08 -20.25
C THR C 141 33.78 15.69 -19.74
N PRO C 142 32.98 14.94 -20.51
CA PRO C 142 32.68 13.55 -20.09
C PRO C 142 33.92 12.68 -19.98
N GLU C 143 35.00 13.01 -20.70
CA GLU C 143 36.22 12.23 -20.59
C GLU C 143 36.91 12.48 -19.25
N GLU C 144 36.84 13.71 -18.74
CA GLU C 144 37.46 14.04 -17.47
C GLU C 144 36.80 13.31 -16.31
N LEU C 145 35.46 13.23 -16.32
CA LEU C 145 34.74 12.84 -15.12
C LEU C 145 34.85 11.36 -14.82
N VAL C 146 35.06 10.52 -15.86
CA VAL C 146 35.04 9.07 -15.66
C VAL C 146 36.08 8.69 -14.61
N GLY C 147 35.65 7.91 -13.61
CA GLY C 147 36.51 7.50 -12.52
C GLY C 147 36.65 8.49 -11.40
N LYS C 148 36.36 9.77 -11.64
CA LYS C 148 36.44 10.80 -10.60
C LYS C 148 35.37 10.55 -9.54
N LYS C 149 35.78 10.44 -8.29
CA LYS C 149 34.83 10.31 -7.19
C LYS C 149 34.30 11.68 -6.79
N ILE C 150 32.99 11.86 -6.88
CA ILE C 150 32.29 13.11 -6.60
C ILE C 150 31.41 12.90 -5.37
N VAL C 151 31.20 13.96 -4.60
CA VAL C 151 30.22 13.96 -3.52
C VAL C 151 28.89 14.43 -4.10
N ILE C 152 27.82 13.69 -3.78
CA ILE C 152 26.47 13.97 -4.29
C ILE C 152 25.48 13.98 -3.14
N VAL C 153 24.31 14.58 -3.40
CA VAL C 153 23.20 14.58 -2.45
C VAL C 153 22.32 13.40 -2.86
N ALA C 154 22.54 12.26 -2.20
CA ALA C 154 22.04 10.99 -2.69
C ALA C 154 20.62 10.67 -2.27
N ASN C 155 19.97 11.53 -1.49
CA ASN C 155 18.61 11.26 -1.04
C ASN C 155 17.62 12.37 -1.42
N LEU C 156 17.94 13.19 -2.43
CA LEU C 156 16.94 14.13 -2.94
C LEU C 156 15.83 13.35 -3.63
N LYS C 157 14.63 13.94 -3.63
CA LYS C 157 13.49 13.29 -4.24
C LYS C 157 13.73 13.16 -5.75
N PRO C 158 13.46 12.00 -6.33
CA PRO C 158 13.74 11.82 -7.76
C PRO C 158 12.99 12.81 -8.63
N ARG C 159 13.73 13.70 -9.28
CA ARG C 159 13.16 14.74 -10.12
C ARG C 159 13.50 14.40 -11.57
N LYS C 160 12.48 14.38 -12.43
CA LYS C 160 12.64 14.00 -13.82
C LYS C 160 12.83 15.24 -14.68
N ILE C 161 13.92 15.29 -15.43
CA ILE C 161 14.17 16.35 -16.40
C ILE C 161 14.73 15.73 -17.66
N PHE C 162 14.30 16.23 -18.82
CA PHE C 162 14.66 15.68 -20.13
C PHE C 162 14.30 14.20 -20.24
N GLY C 163 13.19 13.80 -19.62
CA GLY C 163 12.72 12.43 -19.72
C GLY C 163 13.57 11.41 -18.99
N ILE C 164 14.65 11.84 -18.35
CA ILE C 164 15.50 10.96 -17.56
C ILE C 164 15.36 11.33 -16.09
N GLU C 165 15.35 10.31 -15.24
CA GLU C 165 15.12 10.49 -13.81
C GLU C 165 16.46 10.65 -13.12
N SER C 166 16.67 11.79 -12.48
CA SER C 166 17.90 12.04 -11.74
C SER C 166 17.65 11.63 -10.29
N GLN C 167 18.27 10.52 -9.87
CA GLN C 167 18.09 9.98 -8.53
C GLN C 167 19.12 10.65 -7.64
N GLY C 168 18.73 11.79 -7.07
CA GLY C 168 19.68 12.65 -6.38
C GLY C 168 20.39 13.56 -7.38
N MET C 169 21.12 14.53 -6.84
CA MET C 169 21.83 15.48 -7.66
C MET C 169 23.22 15.74 -7.09
N ILE C 170 24.17 16.04 -7.98
CA ILE C 170 25.56 16.20 -7.55
C ILE C 170 25.77 17.58 -6.95
N LEU C 171 26.82 17.69 -6.15
CA LEU C 171 27.16 18.95 -5.51
C LEU C 171 28.14 19.72 -6.37
N ALA C 172 27.94 21.04 -6.44
CA ALA C 172 28.84 21.92 -7.18
C ALA C 172 28.97 23.24 -6.44
N ALA C 173 30.10 23.90 -6.66
CA ALA C 173 30.37 25.22 -6.11
C ALA C 173 30.88 26.11 -7.22
N SER C 174 30.34 27.33 -7.29
CA SER C 174 30.70 28.25 -8.36
C SER C 174 30.95 29.63 -7.78
N ASP C 175 32.11 30.20 -8.12
CA ASP C 175 32.44 31.57 -7.76
C ASP C 175 31.94 32.59 -8.78
N GLY C 176 31.17 32.14 -9.76
CA GLY C 176 30.75 32.98 -10.87
C GLY C 176 31.72 32.95 -12.03
N GLU C 177 33.00 33.17 -11.74
CA GLU C 177 34.02 33.13 -12.79
C GLU C 177 34.35 31.69 -13.21
N ASN C 178 34.21 30.74 -12.30
CA ASN C 178 34.54 29.35 -12.59
C ASN C 178 33.55 28.44 -11.84
N LEU C 179 33.75 27.13 -11.98
CA LEU C 179 32.86 26.15 -11.35
C LEU C 179 33.61 24.83 -11.18
N SER C 180 33.40 24.18 -10.03
CA SER C 180 34.07 22.92 -9.70
C SER C 180 33.13 22.00 -8.96
N VAL C 181 33.34 20.69 -9.12
CA VAL C 181 32.65 19.65 -8.37
C VAL C 181 33.35 19.45 -7.04
N ILE C 182 32.72 18.70 -6.13
CA ILE C 182 33.17 18.56 -4.75
C ILE C 182 33.62 17.11 -4.53
N VAL C 183 34.92 16.91 -4.32
CA VAL C 183 35.50 15.58 -4.25
C VAL C 183 36.12 15.40 -2.87
N PRO C 184 36.38 14.16 -2.45
CA PRO C 184 37.16 13.94 -1.22
C PRO C 184 38.66 14.05 -1.46
N ASP C 185 39.40 14.50 -0.44
CA ASP C 185 40.89 14.71 -0.53
C ASP C 185 41.70 13.41 -0.66
N ARG C 186 41.48 12.42 0.23
CA ARG C 186 42.07 11.10 0.12
C ARG C 186 41.08 10.12 -0.50
N ASP C 187 41.61 9.12 -1.18
CA ASP C 187 40.77 8.16 -1.91
C ASP C 187 40.02 7.26 -0.92
N VAL C 188 38.69 7.28 -1.00
CA VAL C 188 37.84 6.47 -0.13
C VAL C 188 36.88 5.68 -1.01
N LYS C 189 36.41 4.55 -0.48
CA LYS C 189 35.56 3.66 -1.26
C LYS C 189 34.25 4.35 -1.64
N GLU C 190 33.73 3.98 -2.81
CA GLU C 190 32.48 4.56 -3.29
C GLU C 190 31.36 4.28 -2.29
N GLY C 191 30.43 5.22 -2.17
CA GLY C 191 29.33 5.06 -1.23
C GLY C 191 29.66 5.41 0.21
N ALA C 192 30.73 6.19 0.44
CA ALA C 192 31.10 6.56 1.80
C ALA C 192 30.27 7.76 2.26
N LYS C 193 29.67 7.66 3.44
CA LYS C 193 28.73 8.66 3.91
C LYS C 193 29.47 9.76 4.66
N LEU C 194 29.25 11.01 4.24
CA LEU C 194 29.92 12.13 4.90
C LEU C 194 29.25 12.41 6.24
N SER C 195 30.01 13.02 7.14
CA SER C 195 29.51 13.39 8.46
C SER C 195 30.34 14.57 8.97
N ALA C 196 29.85 15.20 10.03
CA ALA C 196 30.60 16.30 10.62
C ALA C 196 31.75 15.76 11.46
N ALA C 197 32.94 16.35 11.27
CA ALA C 197 34.14 15.92 11.97
C ALA C 197 34.29 16.74 13.25
N LEU C 198 34.08 16.08 14.39
CA LEU C 198 34.17 16.73 15.69
C LEU C 198 34.19 15.64 16.75
N GLU C 199 34.69 15.99 17.93
CA GLU C 199 34.79 15.06 19.06
C GLU C 199 34.36 15.73 20.35
N SER D 1 -61.99 -5.95 -18.66
CA SER D 1 -60.59 -6.13 -18.33
C SER D 1 -60.11 -5.10 -17.29
N LEU D 2 -60.83 -5.04 -16.16
CA LEU D 2 -60.49 -4.13 -15.08
C LEU D 2 -59.88 -4.81 -13.87
N ALA D 3 -60.23 -6.08 -13.62
CA ALA D 3 -59.64 -6.82 -12.51
C ALA D 3 -58.15 -7.08 -12.74
N LYS D 4 -57.74 -7.16 -14.01
CA LYS D 4 -56.32 -7.37 -14.31
C LYS D 4 -55.51 -6.11 -14.06
N GLU D 5 -56.04 -4.95 -14.51
CA GLU D 5 -55.32 -3.70 -14.31
C GLU D 5 -55.19 -3.34 -12.84
N ARG D 6 -56.10 -3.84 -11.99
CA ARG D 6 -55.96 -3.64 -10.56
C ARG D 6 -54.74 -4.37 -10.01
N GLN D 7 -54.43 -5.53 -10.57
CA GLN D 7 -53.26 -6.29 -10.14
C GLN D 7 -52.03 -6.01 -11.00
N LYS D 8 -52.21 -5.70 -12.28
CA LYS D 8 -51.07 -5.35 -13.11
C LYS D 8 -50.41 -4.05 -12.66
N LYS D 9 -51.19 -3.15 -12.07
CA LYS D 9 -50.66 -1.91 -11.52
C LYS D 9 -50.02 -2.13 -10.16
N ASP D 10 -50.69 -2.89 -9.28
CA ASP D 10 -50.13 -3.18 -7.96
C ASP D 10 -48.83 -3.97 -8.06
N ASN D 11 -48.64 -4.73 -9.14
CA ASN D 11 -47.38 -5.45 -9.34
C ASN D 11 -46.28 -4.49 -9.78
N HIS D 12 -46.57 -3.59 -10.72
CA HIS D 12 -45.57 -2.65 -11.19
C HIS D 12 -45.12 -1.69 -10.07
N ASN D 13 -46.04 -1.36 -9.15
CA ASN D 13 -45.72 -0.43 -8.06
C ASN D 13 -44.59 -0.95 -7.19
N LEU D 14 -44.80 -2.10 -6.54
CA LEU D 14 -43.79 -2.63 -5.63
C LEU D 14 -42.54 -3.14 -6.35
N ILE D 15 -42.56 -3.22 -7.68
CA ILE D 15 -41.32 -3.44 -8.43
C ILE D 15 -40.41 -2.23 -8.30
N GLU D 16 -40.98 -1.04 -8.51
CA GLU D 16 -40.18 0.18 -8.43
C GLU D 16 -39.86 0.56 -6.99
N ARG D 17 -40.85 0.41 -6.09
CA ARG D 17 -40.62 0.69 -4.67
C ARG D 17 -39.45 -0.11 -4.13
N ARG D 18 -39.19 -1.29 -4.71
CA ARG D 18 -37.97 -2.03 -4.38
C ARG D 18 -36.75 -1.41 -5.05
N ARG D 19 -36.88 -1.00 -6.31
CA ARG D 19 -35.77 -0.39 -7.03
C ARG D 19 -35.43 0.99 -6.49
N ARG D 20 -36.46 1.80 -6.19
CA ARG D 20 -36.23 3.10 -5.57
C ARG D 20 -35.53 2.94 -4.23
N PHE D 21 -36.08 2.13 -3.34
CA PHE D 21 -35.49 1.96 -2.02
C PHE D 21 -34.08 1.39 -2.12
N ASN D 22 -33.80 0.61 -3.16
CA ASN D 22 -32.46 0.05 -3.34
C ASN D 22 -31.43 1.14 -3.59
N ILE D 23 -31.68 1.98 -4.60
CA ILE D 23 -30.70 3.00 -4.99
C ILE D 23 -30.60 4.08 -3.92
N ASN D 24 -31.73 4.59 -3.45
CA ASN D 24 -31.71 5.65 -2.46
C ASN D 24 -31.07 5.20 -1.15
N ASP D 25 -31.15 3.90 -0.83
CA ASP D 25 -30.43 3.40 0.33
C ASP D 25 -28.94 3.19 0.04
N ARG D 26 -28.59 2.92 -1.21
CA ARG D 26 -27.19 2.78 -1.57
C ARG D 26 -26.47 4.13 -1.58
N ILE D 27 -27.19 5.20 -1.93
CA ILE D 27 -26.60 6.52 -1.87
C ILE D 27 -26.35 6.93 -0.42
N LYS D 28 -27.26 6.56 0.48
CA LYS D 28 -27.08 6.85 1.90
C LYS D 28 -25.78 6.24 2.42
N GLU D 29 -25.44 5.04 1.98
CA GLU D 29 -24.16 4.44 2.36
C GLU D 29 -23.00 5.28 1.85
N LEU D 30 -23.10 5.76 0.60
CA LEU D 30 -22.03 6.59 0.05
C LEU D 30 -21.81 7.84 0.89
N GLY D 31 -22.90 8.40 1.45
CA GLY D 31 -22.77 9.59 2.28
C GLY D 31 -22.00 9.34 3.56
N THR D 32 -21.98 8.10 4.04
CA THR D 32 -21.23 7.79 5.26
C THR D 32 -19.73 7.69 5.02
N LEU D 33 -19.31 7.39 3.78
CA LEU D 33 -17.89 7.17 3.49
C LEU D 33 -17.15 8.44 3.11
N ILE D 34 -17.82 9.40 2.46
CA ILE D 34 -17.17 10.62 2.01
C ILE D 34 -16.76 11.47 3.22
N PRO D 35 -15.67 12.23 3.13
CA PRO D 35 -15.31 13.12 4.25
C PRO D 35 -16.21 14.34 4.32
N LYS D 36 -16.30 14.91 5.52
CA LYS D 36 -17.09 16.13 5.72
C LYS D 36 -16.43 17.30 5.00
N SER D 37 -15.15 17.53 5.25
CA SER D 37 -14.33 18.50 4.52
C SER D 37 -14.78 19.93 4.73
N ASN D 38 -15.85 20.14 5.51
CA ASN D 38 -16.40 21.47 5.72
C ASN D 38 -17.24 21.46 6.99
N ASP D 39 -17.74 22.65 7.35
CA ASP D 39 -18.62 22.85 8.49
C ASP D 39 -20.06 22.70 8.03
N PRO D 40 -21.06 22.72 8.93
CA PRO D 40 -22.45 22.65 8.46
C PRO D 40 -22.86 23.88 7.67
N ASP D 41 -22.30 23.99 6.45
CA ASP D 41 -22.65 25.04 5.52
C ASP D 41 -23.27 24.53 4.22
N MET D 42 -23.12 23.24 3.91
CA MET D 42 -23.72 22.62 2.73
C MET D 42 -24.58 21.44 3.16
N ARG D 43 -25.82 21.42 2.68
CA ARG D 43 -26.73 20.32 2.98
C ARG D 43 -26.43 19.12 2.10
N TRP D 44 -26.42 17.94 2.70
CA TRP D 44 -26.07 16.72 1.98
C TRP D 44 -27.31 16.21 1.25
N ASN D 45 -27.38 16.48 -0.05
CA ASN D 45 -28.38 15.91 -0.94
C ASN D 45 -27.70 14.95 -1.92
N LYS D 46 -28.53 14.22 -2.68
CA LYS D 46 -27.98 13.24 -3.61
C LYS D 46 -27.14 13.93 -4.67
N GLY D 47 -27.53 15.12 -5.10
CA GLY D 47 -26.72 15.88 -6.04
C GLY D 47 -25.29 16.04 -5.58
N THR D 48 -25.10 16.39 -4.31
CA THR D 48 -23.75 16.58 -3.78
C THR D 48 -23.11 15.29 -3.27
N ILE D 49 -23.90 14.39 -2.69
CA ILE D 49 -23.35 13.12 -2.20
C ILE D 49 -22.64 12.38 -3.32
N LEU D 50 -23.25 12.34 -4.51
CA LEU D 50 -22.62 11.69 -5.65
C LEU D 50 -21.40 12.47 -6.12
N LYS D 51 -21.56 13.78 -6.37
CA LYS D 51 -20.42 14.59 -6.78
C LYS D 51 -19.25 14.43 -5.82
N ALA D 52 -19.55 14.32 -4.52
CA ALA D 52 -18.50 14.11 -3.54
C ALA D 52 -17.85 12.73 -3.70
N SER D 53 -18.66 11.71 -4.02
CA SER D 53 -18.10 10.37 -4.23
C SER D 53 -17.15 10.35 -5.42
N VAL D 54 -17.53 11.01 -6.51
CA VAL D 54 -16.62 11.12 -7.66
C VAL D 54 -15.34 11.82 -7.26
N ASP D 55 -15.45 13.02 -6.68
CA ASP D 55 -14.27 13.76 -6.28
C ASP D 55 -13.41 13.00 -5.28
N TYR D 56 -14.04 12.21 -4.39
CA TYR D 56 -13.30 11.42 -3.41
C TYR D 56 -12.48 10.33 -4.09
N ILE D 57 -13.06 9.68 -5.10
CA ILE D 57 -12.38 8.57 -5.77
C ILE D 57 -11.18 9.06 -6.56
N ARG D 58 -11.34 10.18 -7.29
CA ARG D 58 -10.24 10.69 -8.10
C ARG D 58 -9.04 11.07 -7.24
N LYS D 59 -9.29 11.66 -6.06
CA LYS D 59 -8.20 11.93 -5.13
C LYS D 59 -7.53 10.63 -4.69
N LEU D 60 -8.33 9.60 -4.39
CA LEU D 60 -7.76 8.33 -3.98
C LEU D 60 -6.99 7.67 -5.11
N GLN D 61 -7.43 7.87 -6.36
CA GLN D 61 -6.68 7.35 -7.50
C GLN D 61 -5.36 8.08 -7.69
N ARG D 62 -5.29 9.35 -7.27
CA ARG D 62 -4.03 10.09 -7.38
C ARG D 62 -3.00 9.55 -6.42
N GLU D 63 -3.41 9.21 -5.19
CA GLU D 63 -2.49 8.66 -4.19
C GLU D 63 -2.02 7.25 -4.53
N GLN D 64 -2.59 6.63 -5.57
CA GLN D 64 -2.25 5.24 -5.88
C GLN D 64 -0.79 5.09 -6.28
N GLN D 65 -0.26 6.04 -7.06
CA GLN D 65 1.13 5.92 -7.48
C GLN D 65 2.09 6.04 -6.31
N ARG D 66 1.76 6.89 -5.34
CA ARG D 66 2.60 7.03 -4.14
C ARG D 66 2.66 5.72 -3.36
N ALA D 67 1.54 5.04 -3.19
CA ALA D 67 1.56 3.81 -2.41
C ALA D 67 2.28 2.69 -3.15
N LYS D 68 2.18 2.67 -4.49
CA LYS D 68 2.88 1.65 -5.26
C LYS D 68 4.39 1.75 -5.03
N GLU D 69 4.91 2.96 -4.92
CA GLU D 69 6.34 3.13 -4.68
C GLU D 69 6.70 2.78 -3.24
N LEU D 70 5.75 2.91 -2.32
CA LEU D 70 6.01 2.53 -0.94
C LEU D 70 6.04 1.02 -0.77
N GLU D 71 5.10 0.31 -1.40
CA GLU D 71 5.13 -1.14 -1.34
C GLU D 71 6.41 -1.70 -1.97
N ASN D 72 6.92 -1.05 -3.02
CA ASN D 72 8.19 -1.46 -3.58
C ASN D 72 9.32 -1.17 -2.59
N ARG D 73 9.27 0.00 -1.95
CA ARG D 73 10.30 0.38 -1.00
C ARG D 73 10.30 -0.53 0.22
N GLN D 74 9.12 -0.95 0.67
CA GLN D 74 9.07 -1.83 1.84
C GLN D 74 9.64 -3.20 1.53
N LYS D 75 9.45 -3.69 0.30
CA LYS D 75 10.07 -4.94 -0.09
C LYS D 75 11.59 -4.85 -0.03
N LYS D 76 12.15 -3.65 -0.22
CA LYS D 76 13.59 -3.47 -0.14
C LYS D 76 14.06 -3.22 1.30
N LEU D 77 13.25 -2.55 2.11
CA LEU D 77 13.60 -2.32 3.51
C LEU D 77 13.38 -3.57 4.36
N GLU D 78 12.37 -4.37 4.06
CA GLU D 78 12.20 -5.64 4.75
C GLU D 78 13.39 -6.55 4.51
N HIS D 79 13.93 -6.53 3.28
CA HIS D 79 15.11 -7.34 3.00
C HIS D 79 16.31 -6.83 3.79
N ALA D 80 16.40 -5.53 4.01
CA ALA D 80 17.52 -4.99 4.78
C ALA D 80 17.36 -5.31 6.26
N CYS D 81 16.16 -5.07 6.81
CA CYS D 81 15.94 -5.40 8.22
C CYS D 81 16.12 -6.89 8.46
N ARG D 82 15.67 -7.71 7.51
CA ARG D 82 15.85 -9.15 7.65
C ARG D 82 17.32 -9.51 7.83
N HIS D 83 18.21 -8.83 7.10
CA HIS D 83 19.64 -9.10 7.26
C HIS D 83 20.23 -8.38 8.46
N LEU D 84 19.73 -7.17 8.75
CA LEU D 84 20.25 -6.39 9.88
C LEU D 84 20.03 -7.13 11.19
N LEU D 85 18.81 -7.64 11.41
CA LEU D 85 18.50 -8.33 12.65
C LEU D 85 19.35 -9.58 12.84
N LEU D 86 19.89 -10.13 11.77
CA LEU D 86 20.69 -11.35 11.85
C LEU D 86 21.88 -11.21 12.80
N ARG D 87 22.30 -9.98 13.12
CA ARG D 87 23.46 -9.76 13.96
C ARG D 87 23.08 -9.07 15.27
N ILE D 88 21.89 -9.37 15.79
CA ILE D 88 21.47 -8.92 17.11
C ILE D 88 20.98 -10.17 17.85
N GLN D 89 21.84 -10.77 18.67
CA GLN D 89 21.53 -12.03 19.34
C GLN D 89 21.45 -11.75 20.84
N GLU D 90 20.28 -11.30 21.29
CA GLU D 90 20.09 -10.93 22.70
C GLU D 90 18.75 -11.43 23.21
N LEU D 91 18.35 -12.62 22.80
CA LEU D 91 17.14 -13.23 23.31
C LEU D 91 17.50 -14.05 24.55
N GLY D 92 16.88 -13.71 25.68
CA GLY D 92 17.05 -14.52 26.88
C GLY D 92 16.21 -15.78 26.77
N ILE D 93 16.80 -16.92 27.14
CA ILE D 93 16.09 -18.19 26.97
C ILE D 93 14.81 -18.22 27.80
N GLU D 94 14.76 -17.45 28.88
CA GLU D 94 13.52 -17.30 29.63
C GLU D 94 12.43 -16.66 28.77
N ASP D 95 12.80 -15.65 27.98
CA ASP D 95 11.85 -15.00 27.07
C ASP D 95 11.46 -15.90 25.90
N PHE D 96 12.26 -16.92 25.59
CA PHE D 96 11.87 -17.85 24.53
C PHE D 96 10.84 -18.84 25.03
N LEU D 97 10.98 -19.31 26.28
CA LEU D 97 10.04 -20.28 26.84
C LEU D 97 8.65 -19.68 27.07
N LYS D 98 8.55 -18.35 27.13
CA LYS D 98 7.22 -17.73 27.13
C LYS D 98 6.41 -18.17 25.93
N VAL D 99 7.05 -18.38 24.78
CA VAL D 99 6.37 -18.84 23.58
C VAL D 99 6.32 -20.36 23.60
N ASP D 100 5.12 -20.91 23.39
CA ASP D 100 4.89 -22.35 23.36
C ASP D 100 4.62 -22.75 21.91
N LEU D 101 5.69 -23.13 21.20
CA LEU D 101 5.56 -23.69 19.86
C LEU D 101 5.24 -25.17 19.98
N ARG D 102 4.21 -25.61 19.27
CA ARG D 102 3.70 -26.96 19.43
C ARG D 102 3.38 -27.56 18.06
N VAL D 103 3.60 -28.88 17.95
CA VAL D 103 3.21 -29.64 16.77
C VAL D 103 1.73 -29.99 16.86
N ALA D 104 1.02 -29.84 15.73
CA ALA D 104 -0.41 -30.07 15.68
C ALA D 104 -0.76 -30.90 14.46
N LYS D 105 -1.65 -31.87 14.63
CA LYS D 105 -2.15 -32.67 13.52
C LYS D 105 -3.43 -32.05 13.00
N VAL D 106 -3.54 -31.93 11.68
CA VAL D 106 -4.69 -31.28 11.07
C VAL D 106 -5.82 -32.28 10.94
N LEU D 107 -7.04 -31.83 11.26
CA LEU D 107 -8.23 -32.65 11.15
C LEU D 107 -9.19 -32.12 10.09
N SER D 108 -9.57 -30.85 10.15
CA SER D 108 -10.42 -30.25 9.13
C SER D 108 -9.61 -29.26 8.30
N ALA D 109 -10.14 -28.95 7.11
CA ALA D 109 -9.56 -27.95 6.23
C ALA D 109 -10.67 -27.13 5.59
N GLU D 110 -11.64 -26.71 6.38
CA GLU D 110 -12.84 -26.05 5.86
C GLU D 110 -12.46 -24.70 5.26
N ARG D 111 -12.51 -24.59 3.94
CA ARG D 111 -12.40 -23.30 3.27
C ARG D 111 -13.51 -22.37 3.76
N VAL D 112 -13.30 -21.07 3.60
CA VAL D 112 -14.24 -20.06 4.09
C VAL D 112 -14.85 -19.35 2.89
N GLU D 113 -16.18 -19.24 2.89
CA GLU D 113 -16.90 -18.67 1.76
C GLU D 113 -16.65 -17.17 1.63
N GLY D 114 -16.62 -16.70 0.40
CA GLY D 114 -16.35 -15.30 0.12
C GLY D 114 -14.99 -14.84 0.59
N SER D 115 -13.99 -15.71 0.53
CA SER D 115 -12.65 -15.38 1.03
C SER D 115 -11.63 -16.20 0.27
N GLU D 116 -10.82 -15.54 -0.54
CA GLU D 116 -9.70 -16.19 -1.23
C GLU D 116 -8.41 -16.14 -0.43
N LYS D 117 -8.48 -15.75 0.84
CA LYS D 117 -7.29 -15.61 1.69
C LYS D 117 -7.29 -16.56 2.87
N LEU D 118 -8.37 -16.60 3.65
CA LEU D 118 -8.38 -17.34 4.91
C LEU D 118 -8.94 -18.75 4.73
N LEU D 119 -8.38 -19.69 5.49
CA LEU D 119 -8.84 -21.08 5.54
C LEU D 119 -9.08 -21.46 7.00
N LYS D 120 -10.25 -22.03 7.28
CA LYS D 120 -10.55 -22.53 8.61
C LYS D 120 -10.15 -23.99 8.72
N LEU D 121 -9.54 -24.36 9.85
CA LEU D 121 -9.08 -25.72 10.03
C LEU D 121 -9.08 -26.08 11.52
N THR D 122 -9.49 -27.31 11.81
CA THR D 122 -9.54 -27.81 13.19
C THR D 122 -8.31 -28.67 13.44
N LEU D 123 -7.55 -28.30 14.48
CA LEU D 123 -6.32 -28.99 14.83
C LEU D 123 -6.50 -29.77 16.12
N SER D 124 -5.55 -30.66 16.38
CA SER D 124 -5.56 -31.52 17.56
C SER D 124 -4.17 -31.49 18.19
N LEU D 125 -4.09 -31.09 19.46
CA LEU D 125 -2.84 -31.05 20.21
C LEU D 125 -2.68 -32.27 21.11
N GLY D 126 -3.35 -33.38 20.76
CA GLY D 126 -3.38 -34.56 21.61
C GLY D 126 -4.71 -34.68 22.34
N ASP D 127 -4.70 -34.33 23.62
CA ASP D 127 -5.94 -34.26 24.38
C ASP D 127 -6.78 -33.07 23.96
N GLU D 128 -6.18 -31.88 23.91
CA GLU D 128 -6.88 -30.67 23.53
C GLU D 128 -7.06 -30.60 22.01
N GLU D 129 -8.12 -29.90 21.59
CA GLU D 129 -8.40 -29.66 20.18
C GLU D 129 -8.73 -28.18 20.00
N ARG D 130 -8.28 -27.60 18.88
CA ARG D 130 -8.46 -26.18 18.62
C ARG D 130 -8.86 -25.98 17.16
N THR D 131 -9.44 -24.82 16.88
CA THR D 131 -9.77 -24.38 15.53
C THR D 131 -9.02 -23.09 15.24
N VAL D 132 -8.24 -23.08 14.16
CA VAL D 132 -7.39 -21.95 13.82
C VAL D 132 -7.69 -21.50 12.40
N VAL D 133 -7.60 -20.18 12.17
CA VAL D 133 -7.74 -19.59 10.84
C VAL D 133 -6.35 -19.26 10.31
N ALA D 134 -6.12 -19.56 9.02
CA ALA D 134 -4.81 -19.45 8.40
C ALA D 134 -4.96 -18.75 7.06
N GLY D 135 -4.26 -17.63 6.88
CA GLY D 135 -4.29 -16.91 5.63
C GLY D 135 -3.38 -17.52 4.57
N ILE D 136 -3.60 -18.80 4.26
CA ILE D 136 -2.74 -19.56 3.36
C ILE D 136 -3.51 -20.10 2.16
N ALA D 137 -4.63 -19.46 1.80
CA ALA D 137 -5.51 -20.01 0.77
C ALA D 137 -4.83 -20.05 -0.59
N LYS D 138 -4.31 -18.91 -1.05
CA LYS D 138 -3.80 -18.79 -2.41
C LYS D 138 -2.57 -19.66 -2.68
N TYR D 139 -2.05 -20.35 -1.66
CA TYR D 139 -0.88 -21.20 -1.82
C TYR D 139 -1.15 -22.66 -1.49
N TYR D 140 -1.76 -22.95 -0.34
CA TYR D 140 -1.96 -24.32 0.11
C TYR D 140 -3.42 -24.71 -0.07
N THR D 141 -3.65 -25.85 -0.74
CA THR D 141 -5.00 -26.34 -0.95
C THR D 141 -5.52 -27.01 0.33
N PRO D 142 -6.82 -26.92 0.60
CA PRO D 142 -7.34 -27.50 1.86
C PRO D 142 -7.12 -28.99 1.98
N GLU D 143 -7.46 -29.77 0.95
CA GLU D 143 -7.28 -31.21 1.01
C GLU D 143 -5.84 -31.59 0.66
N GLU D 144 -4.87 -30.96 1.33
CA GLU D 144 -3.46 -31.23 1.10
C GLU D 144 -2.76 -31.51 2.42
N LEU D 145 -3.19 -30.82 3.46
CA LEU D 145 -2.63 -30.93 4.80
C LEU D 145 -3.54 -31.69 5.76
N VAL D 146 -4.72 -32.09 5.31
CA VAL D 146 -5.61 -32.92 6.11
C VAL D 146 -4.87 -34.20 6.50
N GLY D 147 -4.77 -34.46 7.80
CA GLY D 147 -4.07 -35.63 8.29
C GLY D 147 -2.59 -35.43 8.52
N LYS D 148 -1.94 -34.59 7.72
CA LYS D 148 -0.54 -34.26 7.96
C LYS D 148 -0.43 -33.23 9.09
N LYS D 149 0.66 -33.29 9.83
CA LYS D 149 0.84 -32.50 11.05
C LYS D 149 1.81 -31.35 10.81
N ILE D 150 1.53 -30.20 11.42
CA ILE D 150 2.24 -28.94 11.21
C ILE D 150 2.56 -28.30 12.56
N VAL D 151 3.26 -27.17 12.52
CA VAL D 151 3.76 -26.49 13.72
C VAL D 151 3.07 -25.14 13.85
N ILE D 152 2.50 -24.87 15.02
CA ILE D 152 1.73 -23.67 15.30
C ILE D 152 2.20 -23.06 16.63
N VAL D 153 1.54 -21.98 17.03
CA VAL D 153 1.77 -21.33 18.31
C VAL D 153 0.53 -21.51 19.16
N ALA D 154 0.70 -21.97 20.40
CA ALA D 154 -0.41 -22.40 21.24
C ALA D 154 -0.82 -21.37 22.30
N ASN D 155 0.15 -20.82 23.03
CA ASN D 155 -0.17 -19.97 24.17
C ASN D 155 -0.67 -18.59 23.73
N LEU D 156 -1.82 -18.55 23.08
CA LEU D 156 -2.41 -17.30 22.60
C LEU D 156 -3.79 -17.10 23.22
N LYS D 157 -4.31 -15.90 23.04
CA LYS D 157 -5.67 -15.64 23.47
C LYS D 157 -6.63 -15.78 22.29
N PRO D 158 -7.80 -16.37 22.51
CA PRO D 158 -8.76 -16.53 21.41
C PRO D 158 -9.24 -15.17 20.90
N ARG D 159 -9.14 -14.97 19.59
CA ARG D 159 -9.53 -13.73 18.95
C ARG D 159 -10.38 -14.06 17.73
N LYS D 160 -11.50 -13.36 17.60
CA LYS D 160 -12.37 -13.57 16.45
C LYS D 160 -11.73 -13.04 15.18
N ILE D 161 -11.81 -13.83 14.11
CA ILE D 161 -11.24 -13.47 12.81
C ILE D 161 -12.27 -13.81 11.75
N PHE D 162 -12.73 -12.80 11.00
CA PHE D 162 -13.71 -12.96 9.92
C PHE D 162 -14.98 -13.65 10.43
N GLY D 163 -15.39 -13.28 11.64
CA GLY D 163 -16.53 -13.92 12.26
C GLY D 163 -16.28 -15.32 12.75
N ILE D 164 -15.02 -15.71 12.91
CA ILE D 164 -14.64 -17.03 13.38
C ILE D 164 -13.65 -16.88 14.52
N GLU D 165 -13.84 -17.68 15.58
CA GLU D 165 -12.93 -17.65 16.73
C GLU D 165 -11.74 -18.56 16.46
N SER D 166 -10.54 -17.98 16.48
CA SER D 166 -9.29 -18.68 16.18
C SER D 166 -8.37 -18.57 17.39
N GLN D 167 -8.29 -19.65 18.17
CA GLN D 167 -7.42 -19.70 19.35
C GLN D 167 -6.12 -20.37 18.92
N GLY D 168 -5.19 -19.56 18.43
CA GLY D 168 -3.92 -20.06 17.95
C GLY D 168 -3.43 -19.36 16.69
N MET D 169 -2.29 -19.80 16.16
CA MET D 169 -1.70 -19.17 14.99
C MET D 169 -0.70 -20.12 14.36
N ILE D 170 -0.65 -20.11 13.03
CA ILE D 170 0.17 -21.04 12.25
C ILE D 170 1.47 -20.35 11.80
N LEU D 171 2.58 -21.05 11.95
CA LEU D 171 3.86 -20.55 11.46
C LEU D 171 4.00 -20.79 9.97
N ALA D 172 4.73 -19.90 9.29
CA ALA D 172 4.91 -19.97 7.85
C ALA D 172 6.10 -19.13 7.44
N ALA D 173 6.99 -19.72 6.63
CA ALA D 173 8.06 -18.98 5.98
C ALA D 173 7.62 -18.54 4.59
N SER D 174 7.91 -17.30 4.24
CA SER D 174 7.41 -16.72 3.00
C SER D 174 8.56 -16.34 2.07
N ASP D 175 8.25 -16.25 0.78
CA ASP D 175 9.14 -15.72 -0.25
C ASP D 175 8.38 -14.79 -1.20
N GLY D 176 7.30 -14.17 -0.71
CA GLY D 176 6.50 -13.29 -1.54
C GLY D 176 5.39 -14.02 -2.29
N GLU D 177 5.64 -14.31 -3.57
CA GLU D 177 4.67 -15.00 -4.42
C GLU D 177 4.49 -16.46 -4.06
N ASN D 178 5.17 -16.97 -3.03
CA ASN D 178 5.04 -18.35 -2.59
C ASN D 178 5.43 -18.45 -1.12
N LEU D 179 4.70 -19.26 -0.36
CA LEU D 179 5.00 -19.50 1.04
C LEU D 179 4.86 -20.98 1.36
N SER D 180 5.58 -21.41 2.41
CA SER D 180 5.54 -22.78 2.93
C SER D 180 5.06 -22.76 4.37
N VAL D 181 4.66 -23.93 4.87
CA VAL D 181 4.34 -24.11 6.28
C VAL D 181 5.51 -24.82 6.95
N ILE D 182 5.46 -24.94 8.26
CA ILE D 182 6.51 -25.57 9.03
C ILE D 182 6.06 -26.96 9.43
N VAL D 183 6.95 -27.93 9.29
CA VAL D 183 6.57 -29.35 9.33
C VAL D 183 7.70 -30.15 9.95
N PRO D 184 7.41 -31.04 10.91
CA PRO D 184 8.47 -31.87 11.49
C PRO D 184 9.03 -32.85 10.47
N ASP D 185 10.36 -33.02 10.49
CA ASP D 185 11.04 -33.88 9.53
C ASP D 185 10.51 -35.30 9.62
N ARG D 186 10.72 -35.95 10.77
CA ARG D 186 10.18 -37.27 11.04
C ARG D 186 8.89 -37.14 11.84
N ASP D 187 8.01 -38.12 11.66
CA ASP D 187 6.74 -38.10 12.37
C ASP D 187 6.97 -38.25 13.87
N VAL D 188 6.21 -37.47 14.66
CA VAL D 188 6.22 -37.55 16.11
C VAL D 188 4.77 -37.49 16.58
N LYS D 189 4.55 -37.85 17.85
CA LYS D 189 3.22 -37.71 18.43
C LYS D 189 2.85 -36.24 18.49
N GLU D 190 1.67 -35.90 17.96
CA GLU D 190 1.27 -34.51 17.87
C GLU D 190 1.04 -33.94 19.27
N GLY D 191 0.92 -32.61 19.34
CA GLY D 191 0.92 -31.95 20.62
C GLY D 191 2.28 -31.85 21.27
N ALA D 192 3.35 -32.16 20.55
CA ALA D 192 4.69 -32.16 21.14
C ALA D 192 5.20 -30.73 21.33
N LYS D 193 5.92 -30.51 22.42
CA LYS D 193 6.49 -29.21 22.70
C LYS D 193 7.82 -29.04 21.96
N LEU D 194 7.98 -27.89 21.34
CA LEU D 194 9.25 -27.53 20.72
C LEU D 194 10.17 -26.93 21.77
N SER D 195 11.43 -27.36 21.78
CA SER D 195 12.39 -26.93 22.78
C SER D 195 13.76 -26.77 22.16
N ALA D 196 14.38 -25.61 22.36
CA ALA D 196 15.72 -25.35 21.88
C ALA D 196 16.80 -25.85 22.84
N ALA D 197 16.53 -25.86 24.14
CA ALA D 197 17.49 -26.35 25.10
C ALA D 197 17.74 -27.84 24.89
N LEU D 198 19.01 -28.22 24.87
CA LEU D 198 19.41 -29.61 24.67
C LEU D 198 19.45 -30.35 26.01
N GLU D 199 18.94 -31.57 26.01
CA GLU D 199 18.85 -32.37 27.23
C GLU D 199 19.80 -33.57 27.20
#